data_4RRV
#
_entry.id   4RRV
#
_cell.length_a   148.973
_cell.length_b   44.536
_cell.length_c   47.799
_cell.angle_alpha   90.000
_cell.angle_beta   101.400
_cell.angle_gamma   90.000
#
_symmetry.space_group_name_H-M   'C 1 2 1'
#
loop_
_entity.id
_entity.type
_entity.pdbx_description
1 polymer '3-phosphoinositide-dependent protein kinase 1'
2 polymer 'Serine/threonine-protein kinase N2'
3 non-polymer "ADENOSINE-5'-TRIPHOSPHATE"
4 non-polymer GLYCEROL
5 water water
#
loop_
_entity_poly.entity_id
_entity_poly.type
_entity_poly.pdbx_seq_one_letter_code
_entity_poly.pdbx_strand_id
1 'polypeptide(L)'
;GAMDGTAAEPRPGAGSLQHAQPPPQPRKKRPEDFKFGKILGEGSFSTVVLARELATSREYAIKILEKRHIIKENKVPYVT
RERDVMSRLDHPFFVKLYFTFQDDEKLYFGLSYAKNGELLKYIRKIGSFDETCTRFYTAEIVSALEYLHGKGIIHRDLKP
ENILLNEDMHIQITDFGTAKVLSPESKQARAN(SEP)FVGTAQYVSPELLTEKSACKSSDLWALGCIIYQLVAGLPPFRA
GNEGLIFAKIIKLEYDFPEKFFPKARDLVEKLLVLDATKRLGCEEMEGYGPLKAHPFFESVTWENLHQQTPPKLT
;
A
2 'polypeptide(L)' EEQEMFRDFDYIADW B
#
# COMPACT_ATOMS: atom_id res chain seq x y z
N LYS A 28 0.29 17.61 -23.49
CA LYS A 28 0.60 18.07 -22.13
C LYS A 28 -0.58 18.82 -21.51
N LYS A 29 -1.05 18.33 -20.37
CA LYS A 29 -2.17 18.96 -19.67
C LYS A 29 -1.73 20.24 -18.97
N ARG A 30 -2.70 21.09 -18.65
CA ARG A 30 -2.46 22.35 -17.93
C ARG A 30 -3.55 22.52 -16.88
N PRO A 31 -3.33 23.35 -15.86
CA PRO A 31 -4.36 23.54 -14.85
C PRO A 31 -5.72 24.00 -15.39
N GLU A 32 -5.69 24.88 -16.40
CA GLU A 32 -6.90 25.42 -16.98
C GLU A 32 -7.71 24.37 -17.78
N ASP A 33 -7.14 23.19 -17.95
CA ASP A 33 -7.84 22.08 -18.60
C ASP A 33 -8.86 21.40 -17.69
N PHE A 34 -8.86 21.79 -16.42
CA PHE A 34 -9.67 21.15 -15.38
C PHE A 34 -10.56 22.12 -14.63
N LYS A 35 -11.68 21.60 -14.14
CA LYS A 35 -12.47 22.30 -13.14
C LYS A 35 -12.28 21.58 -11.81
N PHE A 36 -11.78 22.28 -10.81
CA PHE A 36 -11.51 21.66 -9.53
C PHE A 36 -12.72 21.75 -8.62
N GLY A 37 -12.92 20.68 -7.86
CA GLY A 37 -14.03 20.59 -6.93
C GLY A 37 -13.52 20.43 -5.51
N LYS A 38 -14.09 19.49 -4.78
CA LYS A 38 -13.79 19.35 -3.36
CA LYS A 38 -13.79 19.37 -3.37
C LYS A 38 -12.39 18.83 -3.08
N ILE A 39 -11.85 19.21 -1.93
CA ILE A 39 -10.64 18.61 -1.42
C ILE A 39 -10.99 17.20 -0.94
N LEU A 40 -10.24 16.23 -1.42
CA LEU A 40 -10.41 14.84 -1.04
C LEU A 40 -9.55 14.48 0.18
N GLY A 41 -8.43 15.16 0.34
CA GLY A 41 -7.55 14.87 1.44
C GLY A 41 -6.37 15.82 1.45
N GLU A 42 -5.69 15.88 2.58
CA GLU A 42 -4.49 16.69 2.70
C GLU A 42 -3.42 15.84 3.35
N GLY A 43 -2.20 15.95 2.82
CA GLY A 43 -1.04 15.32 3.41
C GLY A 43 -0.19 16.43 3.99
N SER A 44 0.97 16.07 4.51
CA SER A 44 1.87 17.04 5.12
C SER A 44 2.35 18.09 4.12
N PHE A 45 2.53 17.70 2.86
CA PHE A 45 3.02 18.63 1.84
C PHE A 45 2.28 18.51 0.52
N SER A 46 1.02 18.11 0.60
CA SER A 46 0.21 17.93 -0.60
C SER A 46 -1.27 18.10 -0.27
N THR A 47 -2.04 18.40 -1.31
CA THR A 47 -3.51 18.44 -1.20
C THR A 47 -4.02 17.68 -2.40
N VAL A 48 -5.04 16.84 -2.20
CA VAL A 48 -5.65 16.07 -3.28
C VAL A 48 -7.03 16.63 -3.49
N VAL A 49 -7.33 17.01 -4.73
CA VAL A 49 -8.57 17.66 -5.10
CA VAL A 49 -8.60 17.62 -5.08
C VAL A 49 -9.26 16.86 -6.21
N LEU A 50 -10.57 16.72 -6.12
CA LEU A 50 -11.33 16.12 -7.20
C LEU A 50 -11.41 17.12 -8.35
N ALA A 51 -11.18 16.66 -9.56
CA ALA A 51 -11.19 17.54 -10.70
C ALA A 51 -11.88 16.86 -11.87
N ARG A 52 -12.52 17.68 -12.70
CA ARG A 52 -13.10 17.18 -13.94
CA ARG A 52 -13.12 17.21 -13.94
C ARG A 52 -12.35 17.80 -15.12
N GLU A 53 -11.91 16.95 -16.03
CA GLU A 53 -11.23 17.42 -17.22
C GLU A 53 -12.28 17.99 -18.19
N LEU A 54 -12.13 19.24 -18.60
CA LEU A 54 -13.17 19.90 -19.38
C LEU A 54 -13.42 19.24 -20.73
N ALA A 55 -12.36 18.81 -21.40
CA ALA A 55 -12.48 18.27 -22.77
C ALA A 55 -13.12 16.90 -22.82
N THR A 56 -13.12 16.16 -21.71
CA THR A 56 -13.56 14.76 -21.71
C THR A 56 -14.63 14.45 -20.68
N SER A 57 -14.81 15.36 -19.72
CA SER A 57 -15.69 15.15 -18.57
C SER A 57 -15.24 14.02 -17.63
N ARG A 58 -14.02 13.54 -17.77
CA ARG A 58 -13.53 12.54 -16.83
C ARG A 58 -13.11 13.14 -15.50
N GLU A 59 -13.29 12.35 -14.44
CA GLU A 59 -12.90 12.74 -13.08
C GLU A 59 -11.54 12.14 -12.73
N TYR A 60 -10.70 12.97 -12.12
CA TYR A 60 -9.42 12.57 -11.59
C TYR A 60 -9.27 13.09 -10.17
N ALA A 61 -8.46 12.38 -9.39
CA ALA A 61 -7.96 12.94 -8.13
C ALA A 61 -6.62 13.57 -8.47
N ILE A 62 -6.51 14.87 -8.29
CA ILE A 62 -5.26 15.55 -8.64
C ILE A 62 -4.54 15.92 -7.34
N LYS A 63 -3.34 15.38 -7.19
CA LYS A 63 -2.49 15.67 -6.05
C LYS A 63 -1.61 16.86 -6.41
N ILE A 64 -1.66 17.89 -5.58
CA ILE A 64 -0.99 19.15 -5.85
C ILE A 64 -0.01 19.46 -4.74
N LEU A 65 1.20 19.79 -5.16
CA LEU A 65 2.29 20.12 -4.24
C LEU A 65 2.85 21.50 -4.58
N GLU A 66 3.20 22.29 -3.57
CA GLU A 66 3.79 23.60 -3.83
C GLU A 66 5.29 23.47 -3.94
N LYS A 67 5.85 23.95 -5.06
CA LYS A 67 7.29 23.78 -5.30
C LYS A 67 8.17 24.41 -4.21
N ARG A 68 7.82 25.61 -3.78
CA ARG A 68 8.61 26.32 -2.78
C ARG A 68 8.72 25.49 -1.51
N HIS A 69 7.60 24.86 -1.15
CA HIS A 69 7.51 24.11 0.09
C HIS A 69 8.32 22.83 0.01
N ILE A 70 8.17 22.09 -1.09
CA ILE A 70 8.91 20.85 -1.22
C ILE A 70 10.42 21.12 -1.35
N ILE A 71 10.81 22.24 -1.97
CA ILE A 71 12.22 22.61 -2.09
C ILE A 71 12.77 22.96 -0.71
N LYS A 72 12.00 23.73 0.04
CA LYS A 72 12.45 24.21 1.35
C LYS A 72 12.60 23.05 2.31
N GLU A 73 11.72 22.06 2.19
CA GLU A 73 11.65 20.98 3.16
C GLU A 73 12.32 19.67 2.69
N ASN A 74 13.16 19.76 1.67
CA ASN A 74 13.95 18.61 1.23
C ASN A 74 13.09 17.42 0.76
N LYS A 75 11.93 17.71 0.14
CA LYS A 75 11.02 16.63 -0.28
C LYS A 75 11.09 16.31 -1.77
N VAL A 76 11.98 16.96 -2.51
CA VAL A 76 12.03 16.72 -3.95
C VAL A 76 12.26 15.24 -4.28
N PRO A 77 13.15 14.57 -3.53
CA PRO A 77 13.38 13.15 -3.88
C PRO A 77 12.12 12.29 -3.74
N TYR A 78 11.28 12.60 -2.78
CA TYR A 78 10.06 11.84 -2.57
C TYR A 78 9.07 12.06 -3.71
N VAL A 79 9.02 13.28 -4.23
CA VAL A 79 8.13 13.60 -5.34
C VAL A 79 8.60 12.92 -6.63
N THR A 80 9.90 12.98 -6.88
CA THR A 80 10.51 12.29 -8.01
CA THR A 80 10.45 12.30 -8.05
C THR A 80 10.28 10.78 -7.93
N ARG A 81 10.42 10.25 -6.73
CA ARG A 81 10.26 8.81 -6.51
C ARG A 81 8.83 8.39 -6.78
N GLU A 82 7.86 9.15 -6.29
CA GLU A 82 6.46 8.82 -6.49
C GLU A 82 6.15 8.79 -7.99
N ARG A 83 6.65 9.77 -8.73
CA ARG A 83 6.41 9.81 -10.17
C ARG A 83 7.08 8.63 -10.87
N ASP A 84 8.34 8.36 -10.51
CA ASP A 84 9.08 7.30 -11.18
C ASP A 84 8.46 5.94 -10.90
N VAL A 85 8.10 5.67 -9.66
CA VAL A 85 7.55 4.35 -9.32
C VAL A 85 6.18 4.18 -9.97
N MET A 86 5.31 5.19 -9.86
CA MET A 86 3.96 5.04 -10.40
C MET A 86 3.97 4.89 -11.91
N SER A 87 4.97 5.47 -12.57
CA SER A 87 5.05 5.39 -14.03
CA SER A 87 5.04 5.38 -14.04
C SER A 87 5.29 3.95 -14.49
N ARG A 88 5.76 3.10 -13.58
CA ARG A 88 6.05 1.71 -13.90
C ARG A 88 4.87 0.77 -13.71
N LEU A 89 3.81 1.25 -13.06
CA LEU A 89 2.74 0.37 -12.64
C LEU A 89 1.56 0.44 -13.59
N ASP A 90 1.01 -0.73 -13.88
CA ASP A 90 -0.17 -0.83 -14.72
C ASP A 90 -0.89 -2.09 -14.36
N HIS A 91 -1.62 -2.04 -13.26
CA HIS A 91 -2.31 -3.19 -12.72
C HIS A 91 -3.58 -2.71 -12.04
N PRO A 92 -4.65 -3.50 -12.11
CA PRO A 92 -5.93 -3.00 -11.59
C PRO A 92 -6.01 -2.71 -10.10
N PHE A 93 -5.08 -3.23 -9.29
CA PHE A 93 -5.12 -3.02 -7.86
C PHE A 93 -4.26 -1.87 -7.35
N PHE A 94 -3.80 -1.01 -8.28
CA PHE A 94 -3.02 0.18 -7.94
C PHE A 94 -3.67 1.43 -8.48
N VAL A 95 -3.60 2.50 -7.70
CA VAL A 95 -3.94 3.83 -8.22
C VAL A 95 -3.08 4.06 -9.45
N LYS A 96 -3.70 4.55 -10.51
CA LYS A 96 -2.99 4.87 -11.74
C LYS A 96 -2.57 6.34 -11.83
N LEU A 97 -1.35 6.57 -12.28
CA LEU A 97 -0.87 7.91 -12.60
C LEU A 97 -1.05 8.13 -14.10
N TYR A 98 -2.00 9.01 -14.45
CA TYR A 98 -2.31 9.27 -15.84
C TYR A 98 -1.43 10.34 -16.46
N PHE A 99 -1.03 11.32 -15.66
CA PHE A 99 -0.24 12.42 -16.17
C PHE A 99 0.33 13.22 -15.02
N THR A 100 1.38 13.98 -15.30
CA THR A 100 1.83 15.01 -14.40
C THR A 100 2.06 16.27 -15.22
N PHE A 101 1.96 17.41 -14.55
CA PHE A 101 2.30 18.68 -15.18
C PHE A 101 2.66 19.67 -14.09
N GLN A 102 3.08 20.86 -14.48
CA GLN A 102 3.50 21.86 -13.52
C GLN A 102 3.20 23.26 -14.04
N ASP A 103 3.15 24.21 -13.11
CA ASP A 103 3.17 25.61 -13.46
C ASP A 103 4.24 26.27 -12.58
N ASP A 104 4.29 27.59 -12.55
CA ASP A 104 5.37 28.27 -11.85
C ASP A 104 5.43 27.96 -10.36
N GLU A 105 4.29 27.64 -9.75
CA GLU A 105 4.21 27.44 -8.30
C GLU A 105 4.03 26.00 -7.85
N LYS A 106 3.42 25.16 -8.70
CA LYS A 106 2.95 23.85 -8.27
C LYS A 106 3.30 22.69 -9.20
N LEU A 107 3.31 21.51 -8.58
CA LEU A 107 3.35 20.23 -9.28
C LEU A 107 2.00 19.55 -9.16
N TYR A 108 1.58 18.87 -10.22
CA TYR A 108 0.28 18.23 -10.28
C TYR A 108 0.44 16.78 -10.71
N PHE A 109 -0.17 15.85 -9.96
CA PHE A 109 -0.22 14.44 -10.33
C PHE A 109 -1.69 14.08 -10.61
N GLY A 110 -1.99 13.65 -11.82
CA GLY A 110 -3.35 13.21 -12.15
C GLY A 110 -3.53 11.73 -11.92
N LEU A 111 -4.32 11.40 -10.92
CA LEU A 111 -4.48 10.05 -10.43
C LEU A 111 -5.89 9.53 -10.65
N SER A 112 -6.04 8.22 -10.69
CA SER A 112 -7.40 7.69 -10.68
C SER A 112 -8.06 8.03 -9.34
N TYR A 113 -9.35 8.31 -9.40
CA TYR A 113 -10.13 8.65 -8.23
C TYR A 113 -10.72 7.40 -7.57
N ALA A 114 -10.31 7.14 -6.35
CA ALA A 114 -10.81 5.97 -5.59
C ALA A 114 -11.95 6.48 -4.72
N LYS A 115 -13.17 6.33 -5.22
CA LYS A 115 -14.32 7.02 -4.66
C LYS A 115 -14.68 6.58 -3.25
N ASN A 116 -14.31 5.36 -2.90
CA ASN A 116 -14.70 4.82 -1.60
C ASN A 116 -13.67 4.97 -0.49
N GLY A 117 -12.57 5.65 -0.79
CA GLY A 117 -11.65 6.06 0.26
C GLY A 117 -10.79 4.93 0.80
N GLU A 118 -10.34 5.10 2.05
CA GLU A 118 -9.38 4.19 2.67
C GLU A 118 -10.00 2.94 3.27
N LEU A 119 -9.29 1.85 3.12
CA LEU A 119 -9.68 0.60 3.76
C LEU A 119 -9.83 0.76 5.28
N LEU A 120 -8.96 1.57 5.87
CA LEU A 120 -9.00 1.81 7.31
C LEU A 120 -10.37 2.28 7.80
N LYS A 121 -11.03 3.14 7.01
CA LYS A 121 -12.38 3.62 7.34
C LYS A 121 -13.37 2.48 7.58
N TYR A 122 -13.26 1.44 6.75
CA TYR A 122 -14.17 0.31 6.88
C TYR A 122 -13.83 -0.58 8.06
N ILE A 123 -12.54 -0.76 8.34
CA ILE A 123 -12.15 -1.54 9.50
C ILE A 123 -12.72 -0.85 10.72
N ARG A 124 -12.58 0.46 10.78
CA ARG A 124 -13.14 1.19 11.92
C ARG A 124 -14.67 1.10 11.99
N LYS A 125 -15.35 1.23 10.86
CA LYS A 125 -16.80 1.31 10.82
C LYS A 125 -17.43 0.01 11.32
N ILE A 126 -16.86 -1.09 10.86
N ILE A 126 -16.93 -1.12 10.83
CA ILE A 126 -17.44 -2.40 11.07
CA ILE A 126 -17.55 -2.41 11.17
C ILE A 126 -16.84 -3.04 12.31
C ILE A 126 -16.75 -3.24 12.18
N GLY A 127 -15.57 -2.74 12.57
CA GLY A 127 -14.85 -3.28 13.71
C GLY A 127 -13.94 -4.44 13.39
N SER A 128 -14.46 -5.39 12.63
CA SER A 128 -13.78 -6.65 12.34
C SER A 128 -14.42 -7.15 11.06
N PHE A 129 -13.63 -7.59 10.09
CA PHE A 129 -14.16 -8.22 8.88
C PHE A 129 -14.49 -9.70 9.13
N ASP A 130 -15.56 -10.18 8.52
CA ASP A 130 -15.84 -11.61 8.55
C ASP A 130 -14.83 -12.38 7.70
N GLU A 131 -14.90 -13.69 7.75
CA GLU A 131 -13.91 -14.53 7.09
C GLU A 131 -13.92 -14.32 5.59
N THR A 132 -15.09 -14.29 4.97
CA THR A 132 -15.21 -14.11 3.53
C THR A 132 -14.57 -12.81 3.09
N CYS A 133 -14.87 -11.74 3.80
CA CYS A 133 -14.30 -10.43 3.44
C CYS A 133 -12.82 -10.34 3.71
N THR A 134 -12.37 -10.91 4.83
CA THR A 134 -10.95 -10.99 5.11
C THR A 134 -10.23 -11.71 3.99
N ARG A 135 -10.75 -12.86 3.58
CA ARG A 135 -10.15 -13.66 2.53
C ARG A 135 -10.07 -12.89 1.23
N PHE A 136 -11.15 -12.25 0.84
CA PHE A 136 -11.21 -11.55 -0.44
C PHE A 136 -10.21 -10.39 -0.50
N TYR A 137 -10.23 -9.54 0.51
CA TYR A 137 -9.36 -8.39 0.50
C TYR A 137 -7.89 -8.78 0.70
N THR A 138 -7.64 -9.82 1.48
CA THR A 138 -6.27 -10.33 1.62
C THR A 138 -5.79 -10.83 0.28
N ALA A 139 -6.62 -11.60 -0.42
CA ALA A 139 -6.27 -12.09 -1.74
C ALA A 139 -5.97 -10.97 -2.71
N GLU A 140 -6.77 -9.91 -2.73
CA GLU A 140 -6.43 -8.78 -3.61
C GLU A 140 -5.06 -8.19 -3.26
N ILE A 141 -4.78 -8.03 -1.96
CA ILE A 141 -3.49 -7.47 -1.57
C ILE A 141 -2.33 -8.39 -1.97
N VAL A 142 -2.51 -9.69 -1.77
CA VAL A 142 -1.50 -10.65 -2.19
C VAL A 142 -1.28 -10.57 -3.71
N SER A 143 -2.35 -10.48 -4.49
CA SER A 143 -2.22 -10.35 -5.92
CA SER A 143 -2.23 -10.37 -5.92
C SER A 143 -1.47 -9.10 -6.31
N ALA A 144 -1.76 -8.00 -5.62
CA ALA A 144 -1.08 -6.74 -5.90
C ALA A 144 0.40 -6.84 -5.58
N LEU A 145 0.73 -7.41 -4.41
CA LEU A 145 2.13 -7.57 -4.03
C LEU A 145 2.90 -8.49 -4.96
N GLU A 146 2.24 -9.53 -5.44
CA GLU A 146 2.86 -10.41 -6.45
C GLU A 146 3.28 -9.59 -7.68
N TYR A 147 2.40 -8.73 -8.15
CA TYR A 147 2.70 -7.87 -9.28
C TYR A 147 3.86 -6.92 -8.97
N LEU A 148 3.77 -6.26 -7.82
CA LEU A 148 4.75 -5.25 -7.47
C LEU A 148 6.13 -5.88 -7.31
N HIS A 149 6.19 -7.00 -6.60
CA HIS A 149 7.46 -7.66 -6.35
C HIS A 149 8.02 -8.25 -7.65
N GLY A 150 7.15 -8.68 -8.57
CA GLY A 150 7.61 -9.18 -9.85
C GLY A 150 8.28 -8.11 -10.67
N LYS A 151 7.98 -6.85 -10.36
CA LYS A 151 8.63 -5.70 -11.02
C LYS A 151 9.85 -5.22 -10.23
N GLY A 152 10.16 -5.89 -9.14
CA GLY A 152 11.32 -5.54 -8.34
C GLY A 152 11.09 -4.28 -7.54
N ILE A 153 9.86 -4.03 -7.11
CA ILE A 153 9.53 -2.83 -6.35
C ILE A 153 9.07 -3.22 -4.96
N ILE A 154 9.62 -2.55 -3.94
CA ILE A 154 9.20 -2.72 -2.55
C ILE A 154 8.31 -1.51 -2.19
N HIS A 155 7.14 -1.75 -1.62
CA HIS A 155 6.30 -0.64 -1.23
C HIS A 155 6.85 0.12 0.00
N ARG A 156 7.09 -0.63 1.07
CA ARG A 156 7.71 -0.14 2.32
C ARG A 156 6.79 0.62 3.27
N ASP A 157 5.60 0.99 2.82
CA ASP A 157 4.62 1.64 3.69
C ASP A 157 3.21 1.09 3.47
N LEU A 158 3.10 -0.22 3.40
CA LEU A 158 1.82 -0.83 3.18
C LEU A 158 1.04 -0.81 4.51
N LYS A 159 -0.18 -0.30 4.46
CA LYS A 159 -1.04 -0.18 5.64
C LYS A 159 -2.43 0.21 5.14
N PRO A 160 -3.47 0.00 5.99
CA PRO A 160 -4.82 0.23 5.49
C PRO A 160 -5.10 1.66 5.01
N GLU A 161 -4.40 2.67 5.53
CA GLU A 161 -4.59 4.04 5.07
C GLU A 161 -4.13 4.21 3.64
N ASN A 162 -3.23 3.31 3.19
CA ASN A 162 -2.67 3.39 1.85
C ASN A 162 -3.27 2.36 0.90
N ILE A 163 -4.37 1.75 1.32
CA ILE A 163 -5.12 0.85 0.48
C ILE A 163 -6.48 1.48 0.27
N LEU A 164 -6.67 2.13 -0.89
CA LEU A 164 -7.92 2.82 -1.16
C LEU A 164 -8.90 1.85 -1.81
N LEU A 165 -10.14 2.27 -1.94
CA LEU A 165 -11.15 1.45 -2.58
C LEU A 165 -11.84 2.20 -3.70
N ASN A 166 -11.98 1.56 -4.86
CA ASN A 166 -12.69 2.22 -5.95
C ASN A 166 -14.22 2.09 -5.82
N GLU A 167 -14.94 2.64 -6.78
CA GLU A 167 -16.40 2.61 -6.80
C GLU A 167 -16.97 1.21 -6.68
N ASP A 168 -16.26 0.22 -7.21
CA ASP A 168 -16.71 -1.17 -7.19
C ASP A 168 -16.18 -1.94 -6.00
N MET A 169 -15.47 -1.23 -5.11
CA MET A 169 -14.95 -1.80 -3.86
C MET A 169 -13.78 -2.78 -4.05
N HIS A 170 -13.06 -2.61 -5.14
CA HIS A 170 -11.77 -3.25 -5.30
C HIS A 170 -10.67 -2.34 -4.78
N ILE A 171 -9.59 -2.94 -4.32
CA ILE A 171 -8.47 -2.17 -3.79
C ILE A 171 -7.74 -1.35 -4.84
N GLN A 172 -7.14 -0.26 -4.36
CA GLN A 172 -6.32 0.63 -5.14
C GLN A 172 -5.19 1.10 -4.24
N ILE A 173 -4.07 0.40 -4.29
CA ILE A 173 -2.93 0.71 -3.45
C ILE A 173 -2.28 2.00 -3.92
N THR A 174 -1.89 2.83 -2.96
CA THR A 174 -1.31 4.14 -3.24
C THR A 174 -0.10 4.42 -2.35
N ASP A 175 0.44 5.63 -2.48
CA ASP A 175 1.54 6.15 -1.63
C ASP A 175 2.89 5.53 -1.98
N PHE A 176 3.43 5.94 -3.13
CA PHE A 176 4.66 5.35 -3.67
C PHE A 176 5.88 6.23 -3.55
N GLY A 177 5.77 7.36 -2.89
CA GLY A 177 6.92 8.24 -2.71
C GLY A 177 8.00 7.67 -1.79
N THR A 178 7.65 6.67 -1.00
CA THR A 178 8.62 5.97 -0.17
C THR A 178 8.87 4.54 -0.63
N ALA A 179 8.42 4.22 -1.84
CA ALA A 179 8.68 2.91 -2.43
C ALA A 179 10.09 2.90 -3.03
N LYS A 180 10.58 1.72 -3.40
CA LYS A 180 11.92 1.57 -3.96
C LYS A 180 11.91 0.63 -5.13
N VAL A 181 12.48 1.07 -6.25
CA VAL A 181 12.72 0.18 -7.38
C VAL A 181 14.11 -0.42 -7.20
N LEU A 182 14.16 -1.73 -6.99
CA LEU A 182 15.44 -2.43 -6.83
C LEU A 182 16.10 -2.55 -8.20
N SER A 183 17.40 -2.34 -8.24
CA SER A 183 18.12 -2.37 -9.50
CA SER A 183 18.15 -2.37 -9.50
C SER A 183 18.27 -3.80 -10.02
N PRO A 184 17.72 -4.07 -11.21
CA PRO A 184 17.94 -5.42 -11.74
C PRO A 184 19.39 -5.66 -12.14
N GLU A 185 20.11 -4.60 -12.52
CA GLU A 185 21.48 -4.71 -13.01
C GLU A 185 22.40 -5.30 -11.94
N SER A 186 22.18 -4.93 -10.67
CA SER A 186 23.03 -5.40 -9.58
C SER A 186 22.37 -6.50 -8.77
N LYS A 187 21.20 -6.95 -9.22
CA LYS A 187 20.41 -7.94 -8.49
C LYS A 187 20.20 -7.51 -7.05
N GLN A 188 19.95 -6.22 -6.89
CA GLN A 188 19.77 -5.61 -5.58
C GLN A 188 18.58 -6.25 -4.86
N ALA A 189 18.76 -6.63 -3.60
CA ALA A 189 17.68 -7.20 -2.80
C ALA A 189 17.30 -6.30 -1.61
N ARG A 190 18.24 -5.49 -1.16
CA ARG A 190 18.04 -4.67 0.03
C ARG A 190 18.10 -3.17 -0.27
N ALA A 191 17.26 -2.41 0.43
CA ALA A 191 17.17 -0.97 0.28
C ALA A 191 17.46 -0.30 1.61
N ASN A 192 18.15 0.84 1.57
CA ASN A 192 18.70 1.43 2.79
C ASN A 192 17.98 2.63 3.40
N PHE A 194 15.39 4.74 5.50
CA PHE A 194 14.53 4.42 6.62
C PHE A 194 13.19 5.10 6.44
N VAL A 195 12.20 4.32 6.04
CA VAL A 195 10.86 4.82 5.76
C VAL A 195 9.87 3.81 6.29
N GLY A 196 8.64 4.25 6.44
CA GLY A 196 7.56 3.41 6.90
C GLY A 196 6.71 4.00 8.00
N THR A 197 5.85 3.18 8.59
CA THR A 197 4.94 3.54 9.65
C THR A 197 5.18 2.53 10.76
N ALA A 198 5.33 3.02 12.01
CA ALA A 198 5.83 2.18 13.09
C ALA A 198 5.07 0.86 13.26
N GLN A 199 3.74 0.90 13.23
CA GLN A 199 2.93 -0.29 13.44
CA GLN A 199 2.97 -0.31 13.48
C GLN A 199 3.20 -1.41 12.43
N TYR A 200 3.70 -1.05 11.25
CA TYR A 200 3.83 -2.01 10.16
C TYR A 200 5.25 -2.22 9.71
N VAL A 201 6.18 -1.53 10.36
CA VAL A 201 7.57 -1.62 10.00
CA VAL A 201 7.61 -1.62 10.03
C VAL A 201 8.18 -3.00 10.38
N SER A 202 9.04 -3.51 9.51
CA SER A 202 9.60 -4.82 9.67
C SER A 202 10.79 -4.84 10.66
N PRO A 203 11.00 -6.00 11.31
CA PRO A 203 12.13 -6.07 12.25
C PRO A 203 13.47 -5.86 11.57
N GLU A 204 13.62 -6.29 10.32
CA GLU A 204 14.90 -6.11 9.63
C GLU A 204 15.22 -4.64 9.41
N LEU A 205 14.22 -3.82 9.19
CA LEU A 205 14.50 -2.40 9.01
C LEU A 205 14.97 -1.82 10.34
N LEU A 206 14.36 -2.24 11.43
CA LEU A 206 14.75 -1.74 12.75
C LEU A 206 16.15 -2.19 13.17
N THR A 207 16.51 -3.42 12.84
CA THR A 207 17.73 -4.03 13.40
C THR A 207 18.88 -4.00 12.41
N GLU A 208 18.61 -4.26 11.14
CA GLU A 208 19.64 -4.33 10.10
C GLU A 208 19.73 -3.06 9.26
N LYS A 209 18.72 -2.20 9.42
CA LYS A 209 18.66 -0.88 8.81
C LYS A 209 18.46 -0.97 7.29
N SER A 210 17.87 -2.07 6.84
CA SER A 210 17.48 -2.18 5.44
C SER A 210 16.20 -2.98 5.33
N ALA A 211 15.49 -2.77 4.23
CA ALA A 211 14.26 -3.47 3.92
C ALA A 211 14.45 -4.26 2.64
N CYS A 212 13.58 -5.24 2.43
CA CYS A 212 13.59 -6.07 1.25
C CYS A 212 12.14 -6.32 0.86
N LYS A 213 11.90 -7.05 -0.21
CA LYS A 213 10.53 -7.35 -0.64
CA LYS A 213 10.52 -7.29 -0.63
C LYS A 213 9.74 -8.00 0.48
N SER A 214 10.41 -8.88 1.22
CA SER A 214 9.77 -9.59 2.32
C SER A 214 9.26 -8.66 3.44
N SER A 215 9.83 -7.46 3.52
CA SER A 215 9.32 -6.47 4.48
C SER A 215 7.83 -6.14 4.23
N ASP A 216 7.41 -6.17 2.97
CA ASP A 216 5.99 -5.93 2.65
C ASP A 216 5.13 -7.12 3.09
N LEU A 217 5.70 -8.31 3.14
CA LEU A 217 4.98 -9.51 3.64
C LEU A 217 4.74 -9.45 5.13
N TRP A 218 5.69 -8.88 5.85
CA TRP A 218 5.49 -8.59 7.26
C TRP A 218 4.31 -7.63 7.41
N ALA A 219 4.29 -6.55 6.64
CA ALA A 219 3.17 -5.60 6.70
C ALA A 219 1.84 -6.29 6.36
N LEU A 220 1.85 -7.16 5.36
CA LEU A 220 0.65 -7.96 5.03
C LEU A 220 0.14 -8.75 6.22
N GLY A 221 1.00 -9.37 6.97
CA GLY A 221 0.63 -10.09 8.16
C GLY A 221 -0.05 -9.22 9.20
N CYS A 222 0.48 -8.06 9.39
CA CYS A 222 -0.09 -7.08 10.29
C CYS A 222 -1.47 -6.66 9.82
N ILE A 223 -1.65 -6.49 8.52
CA ILE A 223 -2.91 -6.08 7.95
C ILE A 223 -3.98 -7.17 8.08
N ILE A 224 -3.61 -8.40 7.79
CA ILE A 224 -4.56 -9.51 7.96
C ILE A 224 -5.01 -9.57 9.42
N TYR A 225 -4.05 -9.52 10.34
CA TYR A 225 -4.37 -9.48 11.77
C TYR A 225 -5.36 -8.37 12.08
N GLN A 226 -5.11 -7.18 11.55
CA GLN A 226 -5.95 -6.03 11.81
C GLN A 226 -7.36 -6.19 11.25
N LEU A 227 -7.49 -6.78 10.07
CA LEU A 227 -8.81 -7.01 9.50
C LEU A 227 -9.66 -7.87 10.38
N VAL A 228 -9.06 -8.87 11.00
CA VAL A 228 -9.80 -9.82 11.84
C VAL A 228 -9.99 -9.31 13.28
N ALA A 229 -8.90 -8.77 13.86
CA ALA A 229 -8.83 -8.37 15.26
C ALA A 229 -9.31 -6.97 15.51
N GLY A 230 -9.29 -6.12 14.51
CA GLY A 230 -9.75 -4.74 14.63
C GLY A 230 -8.65 -3.73 14.86
N LEU A 231 -7.49 -4.21 15.28
CA LEU A 231 -6.31 -3.38 15.53
C LEU A 231 -5.09 -4.16 15.09
N PRO A 232 -4.02 -3.45 14.69
CA PRO A 232 -2.82 -4.18 14.26
C PRO A 232 -2.13 -4.81 15.49
N PRO A 233 -1.22 -5.76 15.26
CA PRO A 233 -0.78 -6.62 16.35
C PRO A 233 0.17 -5.96 17.34
N PHE A 234 0.98 -5.00 16.88
CA PHE A 234 1.98 -4.36 17.73
C PHE A 234 1.44 -2.95 18.00
N ARG A 235 0.99 -2.76 19.23
CA ARG A 235 0.20 -1.60 19.63
C ARG A 235 0.88 -0.94 20.80
N ALA A 236 1.01 0.37 20.75
CA ALA A 236 1.45 1.13 21.93
C ALA A 236 1.25 2.60 21.64
N GLY A 237 1.32 3.40 22.69
CA GLY A 237 1.08 4.82 22.57
C GLY A 237 2.25 5.60 22.07
N ASN A 238 3.40 4.96 21.86
CA ASN A 238 4.50 5.63 21.18
C ASN A 238 5.38 4.67 20.41
N GLU A 239 6.12 5.24 19.45
CA GLU A 239 6.84 4.42 18.47
C GLU A 239 7.89 3.54 19.11
N GLY A 240 8.65 4.06 20.07
CA GLY A 240 9.73 3.27 20.65
C GLY A 240 9.21 1.98 21.29
N LEU A 241 8.07 2.05 21.96
CA LEU A 241 7.46 0.88 22.55
C LEU A 241 7.01 -0.13 21.48
N ILE A 242 6.44 0.36 20.38
CA ILE A 242 6.07 -0.51 19.26
C ILE A 242 7.31 -1.22 18.70
N PHE A 243 8.40 -0.49 18.49
CA PHE A 243 9.61 -1.09 17.97
C PHE A 243 10.11 -2.22 18.86
N ALA A 244 10.05 -2.03 20.19
CA ALA A 244 10.54 -3.05 21.10
C ALA A 244 9.72 -4.32 21.01
N LYS A 245 8.41 -4.17 20.85
CA LYS A 245 7.54 -5.32 20.65
C LYS A 245 7.79 -6.03 19.32
N ILE A 246 8.00 -5.28 18.26
CA ILE A 246 8.23 -5.88 16.96
C ILE A 246 9.46 -6.79 17.02
N ILE A 247 10.56 -6.29 17.57
CA ILE A 247 11.80 -7.04 17.49
C ILE A 247 11.78 -8.27 18.38
N LYS A 248 10.86 -8.30 19.35
CA LYS A 248 10.67 -9.47 20.23
C LYS A 248 9.52 -10.37 19.77
N LEU A 249 8.86 -10.01 18.66
CA LEU A 249 7.66 -10.71 18.20
C LEU A 249 6.64 -10.82 19.35
N GLU A 250 6.46 -9.71 20.05
CA GLU A 250 5.56 -9.66 21.20
C GLU A 250 4.15 -9.27 20.76
N TYR A 251 3.31 -10.28 20.48
CA TYR A 251 1.90 -10.07 20.17
C TYR A 251 1.14 -11.35 20.49
N ASP A 252 -0.18 -11.25 20.58
CA ASP A 252 -1.05 -12.39 20.79
C ASP A 252 -2.30 -12.26 19.95
N PHE A 253 -2.98 -13.37 19.75
N PHE A 253 -2.80 -13.40 19.51
CA PHE A 253 -4.23 -13.41 19.01
CA PHE A 253 -4.08 -13.45 18.84
C PHE A 253 -5.45 -13.34 19.94
C PHE A 253 -5.22 -13.38 19.87
N PRO A 254 -6.48 -12.57 19.54
N PRO A 254 -6.35 -12.75 19.49
CA PRO A 254 -7.74 -12.61 20.29
CA PRO A 254 -7.55 -12.88 20.32
C PRO A 254 -8.46 -13.94 20.08
C PRO A 254 -8.00 -14.33 20.40
N GLU A 255 -9.46 -14.20 20.92
N GLU A 255 -8.96 -14.63 21.27
CA GLU A 255 -10.29 -15.38 20.75
CA GLU A 255 -9.43 -16.00 21.40
C GLU A 255 -11.09 -15.32 19.45
C GLU A 255 -10.13 -16.52 20.12
N LYS A 256 -11.32 -16.49 18.88
N LYS A 256 -10.91 -15.67 19.46
CA LYS A 256 -12.19 -16.67 17.70
CA LYS A 256 -11.78 -16.10 18.35
C LYS A 256 -11.53 -16.21 16.41
C LYS A 256 -11.28 -15.80 16.91
N PHE A 257 -10.28 -15.83 16.50
N PHE A 257 -9.98 -15.80 16.70
CA PHE A 257 -9.51 -15.49 15.31
CA PHE A 257 -9.40 -15.57 15.38
C PHE A 257 -9.51 -16.70 14.37
C PHE A 257 -9.65 -16.76 14.43
N PHE A 258 -10.01 -16.50 13.16
CA PHE A 258 -10.21 -17.62 12.20
C PHE A 258 -8.96 -18.48 12.11
N PRO A 259 -9.06 -19.79 12.41
CA PRO A 259 -7.84 -20.59 12.56
C PRO A 259 -6.92 -20.63 11.34
N LYS A 260 -7.45 -20.69 10.12
CA LYS A 260 -6.55 -20.71 8.98
C LYS A 260 -5.89 -19.34 8.74
N ALA A 261 -6.59 -18.27 9.11
CA ALA A 261 -6.01 -16.93 9.06
C ALA A 261 -4.90 -16.79 10.09
N ARG A 262 -5.11 -17.31 11.28
CA ARG A 262 -4.08 -17.31 12.31
C ARG A 262 -2.83 -18.01 11.81
N ASP A 263 -3.01 -19.18 11.19
CA ASP A 263 -1.87 -19.92 10.67
C ASP A 263 -1.11 -19.09 9.63
N LEU A 264 -1.86 -18.44 8.73
CA LEU A 264 -1.22 -17.58 7.74
C LEU A 264 -0.44 -16.42 8.39
N VAL A 265 -1.06 -15.72 9.34
CA VAL A 265 -0.39 -14.62 10.01
C VAL A 265 0.91 -15.09 10.67
N GLU A 266 0.86 -16.27 11.30
CA GLU A 266 2.05 -16.83 11.96
C GLU A 266 3.15 -17.19 10.96
N LYS A 267 2.77 -17.37 9.69
CA LYS A 267 3.75 -17.66 8.65
CA LYS A 267 3.77 -17.66 8.66
C LYS A 267 4.30 -16.40 7.96
N LEU A 268 3.72 -15.24 8.30
CA LEU A 268 4.12 -13.95 7.74
C LEU A 268 4.87 -13.13 8.78
N LEU A 269 4.39 -13.16 10.02
CA LEU A 269 5.04 -12.44 11.13
C LEU A 269 6.13 -13.33 11.70
N VAL A 270 7.21 -13.41 10.94
CA VAL A 270 8.37 -14.20 11.29
C VAL A 270 9.57 -13.25 11.28
N LEU A 271 10.38 -13.29 12.34
CA LEU A 271 11.47 -12.32 12.46
C LEU A 271 12.48 -12.44 11.31
N ASP A 272 12.82 -13.67 10.94
CA ASP A 272 13.74 -13.91 9.82
C ASP A 272 13.02 -13.66 8.51
N ALA A 273 13.43 -12.61 7.81
CA ALA A 273 12.75 -12.20 6.59
C ALA A 273 12.83 -13.23 5.48
N THR A 274 13.77 -14.18 5.56
CA THR A 274 13.92 -15.22 4.56
C THR A 274 13.01 -16.42 4.80
N LYS A 275 12.21 -16.35 5.85
CA LYS A 275 11.34 -17.48 6.24
C LYS A 275 9.86 -17.12 6.18
N ARG A 276 9.53 -15.98 5.59
CA ARG A 276 8.15 -15.54 5.45
C ARG A 276 7.51 -16.16 4.20
N LEU A 277 6.31 -16.68 4.36
CA LEU A 277 5.62 -17.31 3.25
C LEU A 277 5.37 -16.24 2.18
N GLY A 278 5.80 -16.55 0.94
CA GLY A 278 5.75 -15.60 -0.17
C GLY A 278 7.07 -14.97 -0.56
N CYS A 279 8.07 -15.05 0.32
CA CYS A 279 9.34 -14.43 -0.02
C CYS A 279 10.16 -15.25 -0.99
N GLU A 280 11.17 -14.63 -1.58
CA GLU A 280 11.94 -15.31 -2.62
C GLU A 280 12.62 -16.57 -2.10
N GLU A 281 13.13 -16.51 -0.87
CA GLU A 281 13.83 -17.66 -0.29
C GLU A 281 12.89 -18.80 0.10
N MET A 282 11.59 -18.51 0.17
CA MET A 282 10.56 -19.51 0.40
CA MET A 282 10.64 -19.60 0.36
C MET A 282 9.86 -19.87 -0.91
N GLU A 283 10.47 -19.48 -2.02
CA GLU A 283 10.06 -19.84 -3.38
C GLU A 283 8.81 -19.10 -3.89
N GLY A 284 8.54 -17.93 -3.34
CA GLY A 284 7.67 -16.96 -3.98
C GLY A 284 6.19 -17.08 -3.70
N TYR A 285 5.40 -16.54 -4.62
CA TYR A 285 3.97 -16.40 -4.40
C TYR A 285 3.17 -17.68 -4.55
N GLY A 286 3.69 -18.68 -5.27
CA GLY A 286 2.97 -19.93 -5.42
C GLY A 286 2.59 -20.54 -4.09
N PRO A 287 3.58 -20.75 -3.21
CA PRO A 287 3.26 -21.34 -1.92
C PRO A 287 2.34 -20.48 -1.07
N LEU A 288 2.43 -19.16 -1.19
CA LEU A 288 1.56 -18.26 -0.43
C LEU A 288 0.12 -18.39 -0.92
N LYS A 289 -0.09 -18.34 -2.23
CA LYS A 289 -1.42 -18.45 -2.81
C LYS A 289 -2.04 -19.82 -2.57
N ALA A 290 -1.20 -20.82 -2.33
CA ALA A 290 -1.65 -22.17 -2.00
C ALA A 290 -1.97 -22.39 -0.52
N HIS A 291 -1.79 -21.38 0.31
CA HIS A 291 -2.12 -21.53 1.72
C HIS A 291 -3.60 -21.92 1.89
N PRO A 292 -3.90 -22.81 2.84
CA PRO A 292 -5.31 -23.22 3.05
C PRO A 292 -6.33 -22.10 3.28
N PHE A 293 -5.90 -20.96 3.78
CA PHE A 293 -6.82 -19.86 3.99
C PHE A 293 -7.43 -19.41 2.66
N PHE A 294 -6.68 -19.61 1.58
CA PHE A 294 -7.12 -19.20 0.23
C PHE A 294 -7.70 -20.31 -0.63
N GLU A 295 -8.07 -21.43 -0.02
CA GLU A 295 -8.51 -22.58 -0.82
C GLU A 295 -9.60 -22.25 -1.83
N SER A 296 -10.58 -21.43 -1.44
CA SER A 296 -11.68 -21.16 -2.37
C SER A 296 -11.45 -19.99 -3.33
N VAL A 297 -10.26 -19.39 -3.29
CA VAL A 297 -9.99 -18.23 -4.10
C VAL A 297 -9.67 -18.61 -5.54
N THR A 298 -10.29 -17.90 -6.47
CA THR A 298 -9.94 -17.95 -7.89
C THR A 298 -9.07 -16.74 -8.15
N TRP A 299 -7.77 -16.97 -8.33
CA TRP A 299 -6.80 -15.89 -8.41
C TRP A 299 -6.85 -15.15 -9.74
N GLU A 300 -7.25 -15.85 -10.79
CA GLU A 300 -7.41 -15.21 -12.09
C GLU A 300 -8.63 -14.27 -12.06
N ASN A 301 -8.47 -13.10 -12.64
CA ASN A 301 -9.59 -12.15 -12.72
C ASN A 301 -10.25 -11.78 -11.37
N LEU A 302 -9.50 -11.75 -10.25
CA LEU A 302 -10.06 -11.25 -9.01
C LEU A 302 -10.67 -9.87 -9.21
N HIS A 303 -10.04 -9.05 -10.04
CA HIS A 303 -10.52 -7.67 -10.22
C HIS A 303 -11.84 -7.57 -10.97
N GLN A 304 -12.30 -8.70 -11.51
CA GLN A 304 -13.58 -8.75 -12.21
C GLN A 304 -14.65 -9.46 -11.38
N GLN A 305 -14.28 -9.97 -10.21
CA GLN A 305 -15.23 -10.62 -9.32
C GLN A 305 -15.93 -9.56 -8.47
N THR A 306 -17.17 -9.82 -8.08
CA THR A 306 -17.90 -8.87 -7.25
C THR A 306 -17.44 -9.03 -5.81
N PRO A 307 -16.92 -7.97 -5.18
CA PRO A 307 -16.48 -8.16 -3.81
C PRO A 307 -17.65 -8.47 -2.88
N PRO A 308 -17.38 -9.24 -1.80
CA PRO A 308 -18.42 -9.47 -0.78
C PRO A 308 -18.78 -8.17 -0.07
N LYS A 309 -20.04 -8.02 0.30
CA LYS A 309 -20.47 -6.83 1.03
C LYS A 309 -19.85 -6.80 2.42
N LEU A 310 -19.34 -5.63 2.79
CA LEU A 310 -18.74 -5.43 4.11
C LEU A 310 -19.82 -5.19 5.14
N THR A 311 -19.95 -6.10 6.09
CA THR A 311 -21.04 -6.04 7.04
C THR A 311 -20.62 -6.62 8.40
N MET B 5 14.44 23.37 -11.31
CA MET B 5 14.51 21.93 -11.55
C MET B 5 13.14 21.41 -11.99
N PHE B 6 12.83 20.16 -11.63
CA PHE B 6 11.58 19.51 -12.06
C PHE B 6 11.53 19.36 -13.58
N ARG B 7 12.70 19.34 -14.21
CA ARG B 7 12.80 19.28 -15.66
C ARG B 7 12.32 17.94 -16.19
N ASP B 8 12.45 16.90 -15.38
CA ASP B 8 12.09 15.55 -15.79
C ASP B 8 10.80 15.11 -15.10
N PHE B 9 9.98 16.08 -14.72
CA PHE B 9 8.79 15.76 -13.93
C PHE B 9 7.58 15.45 -14.79
N ASP B 10 7.38 16.21 -15.87
CA ASP B 10 6.19 16.06 -16.69
C ASP B 10 6.11 14.67 -17.33
N TYR B 11 4.89 14.14 -17.39
CA TYR B 11 4.66 12.75 -17.70
C TYR B 11 3.28 12.58 -18.31
N ILE B 12 3.18 11.71 -19.32
CA ILE B 12 1.90 11.29 -19.83
C ILE B 12 1.98 9.79 -19.98
N ALA B 13 1.08 9.09 -19.29
CA ALA B 13 0.81 7.71 -19.62
C ALA B 13 0.45 7.76 -21.11
#